data_5CEI
#
_entry.id   5CEI
#
_cell.length_a   71.128
_cell.length_b   70.090
_cell.length_c   167.448
_cell.angle_alpha   90.000
_cell.angle_beta   90.000
_cell.angle_gamma   90.000
#
_symmetry.space_group_name_H-M   'P 21 21 21'
#
loop_
_entity.id
_entity.type
_entity.pdbx_description
1 polymer 'Cyclin-dependent kinase 8'
2 polymer Cyclin-C
3 non-polymer 1,2-ETHANEDIOL
4 non-polymer 'FORMIC ACID'
5 non-polymer 4-(4-iodophenoxy)-N-methylthieno[2,3-c]pyridine-2-carboxamide
6 water water
#
loop_
_entity_poly.entity_id
_entity_poly.type
_entity_poly.pdbx_seq_one_letter_code
_entity_poly.pdbx_strand_id
1 'polypeptide(L)'
;DDKMDYDFKVKLSSERERVEDLFEYEGCKVGRGTYGHVYKAKRKDGKDDKDYALKQIEGTGISMSACREIALLRELKHPN
VISLQKVFLSHADRKVWLLFDYAEHDLWHIIKFHRASKANKKPVQLPRGMVKSLLYQILDGIHYLHANWVLHRDLKPANI
LVMGEGPERGRVKIADMGFARLFNSPLKPLADLDPVVVTFWYRAPELLLGARHYTKAIDIWAIGCIFAELLTSEPIFHCR
QEDIKTSNPYHHDQLDRIFNVMGFPADKDWEDIKKMPEHSTLMKDFRRNTYTNCSLIKYMEKHKVKPDSKAFHLLQKLLT
MDPIKRITSEQAMQDPYFLEDPLPTSDVFAGCQIPYPKREFLTEEEPDDKGDKKNQQQQQGNNHTNGTGHPGNQDSSHTQ
GPPLKK
;
A
2 'polypeptide(L)'
;DDKAMAGNFWQSSHYLQWILDKQDLLKERQKDLKFLSEEEYWKLQIFFTNVIQALGEHLKLRQQVIATATVYFKRFYARY
SLKSIDPVLMAPTCVFLASKVEEFGVVSNTRLIAAATSVLKTRFSYAFPKEFPYRMNHILECEFYLLELMDCCLIVYHPY
RPLLQYVQDMGQEDMLLPLAWRIVNDTYRTDLCLLYPPFMIALACLHVACVVQQKDARQWFAELSVDMEKILEIIRVILK
LYEQWKNFDERKEMATILSKMPKPKPPPNSEGEQGPNGSQNSSYSQS
;
B
#
# COMPACT_ATOMS: atom_id res chain seq x y z
N LYS A 3 -23.83 -10.72 13.40
CA LYS A 3 -24.99 -9.98 13.96
C LYS A 3 -24.97 -8.51 13.54
N MET A 4 -25.88 -8.15 12.64
CA MET A 4 -26.07 -6.78 12.18
C MET A 4 -27.51 -6.32 12.33
N ASP A 5 -27.73 -5.03 12.17
CA ASP A 5 -29.09 -4.52 12.14
C ASP A 5 -29.74 -4.94 10.84
N TYR A 6 -30.91 -5.57 10.92
CA TYR A 6 -31.58 -6.09 9.73
C TYR A 6 -31.80 -4.99 8.70
N ASP A 7 -32.39 -3.88 9.15
CA ASP A 7 -32.63 -2.73 8.28
C ASP A 7 -31.36 -2.22 7.64
N PHE A 8 -30.27 -2.19 8.40
CA PHE A 8 -28.98 -1.74 7.90
C PHE A 8 -28.51 -2.68 6.79
N LYS A 9 -28.62 -3.97 7.06
CA LYS A 9 -28.22 -5.02 6.13
C LYS A 9 -28.99 -4.96 4.80
N VAL A 10 -30.32 -4.89 4.85
CA VAL A 10 -31.08 -4.91 3.58
C VAL A 10 -30.93 -3.58 2.82
N LYS A 11 -30.80 -2.46 3.53
CA LYS A 11 -30.47 -1.19 2.87
C LYS A 11 -29.12 -1.27 2.12
N LEU A 12 -28.07 -1.77 2.77
CA LEU A 12 -26.78 -1.93 2.08
C LEU A 12 -26.87 -2.94 0.93
N SER A 13 -27.59 -4.03 1.15
CA SER A 13 -27.77 -5.00 0.08
C SER A 13 -28.43 -4.35 -1.14
N SER A 14 -29.41 -3.49 -0.90
CA SER A 14 -30.18 -2.86 -1.96
C SER A 14 -29.33 -1.85 -2.74
N GLU A 15 -28.43 -1.16 -2.03
CA GLU A 15 -27.59 -0.15 -2.68
C GLU A 15 -26.32 -0.72 -3.32
N ARG A 16 -26.02 -1.99 -3.07
CA ARG A 16 -24.71 -2.53 -3.41
C ARG A 16 -24.48 -2.72 -4.90
N GLU A 17 -23.43 -2.09 -5.42
CA GLU A 17 -23.04 -2.30 -6.80
C GLU A 17 -22.40 -3.68 -6.94
N ARG A 18 -23.01 -4.52 -7.77
CA ARG A 18 -22.55 -5.88 -8.02
C ARG A 18 -21.87 -5.97 -9.38
N VAL A 19 -20.68 -6.55 -9.40
CA VAL A 19 -19.84 -6.58 -10.58
C VAL A 19 -20.58 -7.23 -11.78
N GLU A 20 -21.28 -8.33 -11.53
CA GLU A 20 -22.01 -9.02 -12.60
C GLU A 20 -23.24 -8.25 -13.11
N ASP A 21 -23.70 -7.25 -12.35
CA ASP A 21 -24.80 -6.40 -12.78
C ASP A 21 -24.28 -5.27 -13.67
N LEU A 22 -23.11 -4.76 -13.32
CA LEU A 22 -22.57 -3.57 -13.99
C LEU A 22 -21.74 -3.86 -15.24
N PHE A 23 -21.09 -5.02 -15.28
CA PHE A 23 -20.10 -5.28 -16.32
C PHE A 23 -20.33 -6.59 -17.05
N GLU A 24 -20.06 -6.54 -18.36
CA GLU A 24 -20.08 -7.73 -19.20
C GLU A 24 -18.66 -8.21 -19.34
N TYR A 25 -18.39 -9.44 -18.92
CA TYR A 25 -17.04 -9.99 -19.00
C TYR A 25 -17.02 -11.52 -19.14
N GLU A 26 -18.20 -12.12 -19.30
CA GLU A 26 -18.29 -13.56 -19.48
C GLU A 26 -17.48 -14.00 -20.69
N GLY A 27 -16.48 -14.85 -20.48
CA GLY A 27 -15.69 -15.40 -21.55
C GLY A 27 -14.60 -14.45 -22.05
N CYS A 28 -14.36 -13.36 -21.33
CA CYS A 28 -13.44 -12.33 -21.78
C CYS A 28 -12.18 -12.29 -20.91
N LYS A 29 -11.77 -13.46 -20.43
CA LYS A 29 -10.54 -13.55 -19.64
C LYS A 29 -9.32 -13.30 -20.53
N VAL A 30 -8.40 -12.45 -20.05
CA VAL A 30 -7.21 -12.12 -20.81
C VAL A 30 -5.94 -12.43 -20.02
N GLY A 31 -6.10 -12.65 -18.72
CA GLY A 31 -4.97 -12.94 -17.85
C GLY A 31 -5.36 -13.87 -16.72
N ARG A 32 -4.50 -14.84 -16.45
CA ARG A 32 -4.66 -15.77 -15.33
C ARG A 32 -3.31 -15.86 -14.65
N GLY A 33 -3.30 -16.17 -13.37
CA GLY A 33 -2.06 -16.21 -12.62
C GLY A 33 -2.27 -16.34 -11.13
N THR A 34 -1.19 -16.18 -10.38
CA THR A 34 -1.22 -16.34 -8.92
C THR A 34 -2.01 -15.21 -8.28
N TYR A 35 -2.04 -14.07 -8.94
CA TYR A 35 -2.84 -12.95 -8.48
C TYR A 35 -4.34 -13.28 -8.54
N GLY A 36 -4.73 -14.02 -9.57
CA GLY A 36 -6.12 -14.36 -9.81
C GLY A 36 -6.42 -14.31 -11.30
N HIS A 37 -7.61 -13.80 -11.64
CA HIS A 37 -8.05 -13.70 -13.03
C HIS A 37 -8.25 -12.25 -13.46
N VAL A 38 -7.91 -11.94 -14.71
CA VAL A 38 -8.18 -10.62 -15.30
C VAL A 38 -9.07 -10.75 -16.53
N TYR A 39 -10.13 -9.95 -16.58
CA TYR A 39 -11.09 -9.96 -17.68
C TYR A 39 -11.18 -8.61 -18.36
N LYS A 40 -11.37 -8.63 -19.67
CA LYS A 40 -11.73 -7.43 -20.41
C LYS A 40 -13.24 -7.24 -20.24
N ALA A 41 -13.64 -6.06 -19.75
CA ALA A 41 -15.02 -5.82 -19.38
C ALA A 41 -15.58 -4.55 -20.00
N LYS A 42 -16.89 -4.53 -20.23
CA LYS A 42 -17.60 -3.33 -20.70
C LYS A 42 -18.82 -3.05 -19.83
N ARG A 43 -19.04 -1.77 -19.51
CA ARG A 43 -20.24 -1.32 -18.81
C ARG A 43 -21.50 -1.81 -19.49
N LYS A 44 -22.34 -2.57 -18.77
CA LYS A 44 -23.60 -3.07 -19.33
C LYS A 44 -24.62 -1.96 -19.55
N ASP A 45 -24.54 -0.90 -18.75
CA ASP A 45 -25.56 0.14 -18.74
C ASP A 45 -25.12 1.46 -19.34
N GLY A 46 -24.11 2.09 -18.74
CA GLY A 46 -23.87 3.51 -18.91
C GLY A 46 -23.34 3.98 -20.24
N LYS A 47 -23.44 3.15 -21.28
CA LYS A 47 -22.94 3.50 -22.60
C LYS A 47 -21.54 4.15 -22.54
N ASP A 48 -20.56 3.44 -22.00
CA ASP A 48 -19.19 3.93 -21.93
C ASP A 48 -18.48 3.71 -23.25
N ASP A 49 -18.79 2.57 -23.88
CA ASP A 49 -17.99 2.03 -24.98
C ASP A 49 -16.50 2.10 -24.65
N LYS A 50 -16.20 2.03 -23.36
CA LYS A 50 -14.83 2.13 -22.85
C LYS A 50 -14.45 0.75 -22.31
N ASP A 51 -13.29 0.25 -22.69
CA ASP A 51 -12.85 -1.07 -22.23
C ASP A 51 -12.24 -0.98 -20.84
N TYR A 52 -12.64 -1.92 -19.98
CA TYR A 52 -12.09 -2.01 -18.62
C TYR A 52 -11.42 -3.35 -18.39
N ALA A 53 -10.60 -3.39 -17.35
CA ALA A 53 -9.97 -4.60 -16.86
C ALA A 53 -10.56 -4.91 -15.51
N LEU A 54 -11.18 -6.09 -15.38
CA LEU A 54 -11.73 -6.56 -14.12
C LEU A 54 -10.85 -7.66 -13.54
N LYS A 55 -10.36 -7.43 -12.34
CA LYS A 55 -9.42 -8.34 -11.70
C LYS A 55 -10.06 -9.01 -10.51
N GLN A 56 -10.29 -10.31 -10.62
CA GLN A 56 -10.80 -11.09 -9.51
C GLN A 56 -9.62 -11.66 -8.73
N ILE A 57 -9.44 -11.20 -7.50
CA ILE A 57 -8.27 -11.55 -6.72
C ILE A 57 -8.35 -13.00 -6.24
N GLU A 58 -7.21 -13.67 -6.30
CA GLU A 58 -7.09 -15.08 -5.94
C GLU A 58 -7.45 -15.31 -4.48
N GLY A 59 -8.27 -16.33 -4.23
CA GLY A 59 -8.66 -16.70 -2.88
C GLY A 59 -9.94 -16.03 -2.47
N THR A 60 -10.24 -16.06 -1.18
CA THR A 60 -11.44 -15.45 -0.65
C THR A 60 -11.11 -14.61 0.56
N GLY A 61 -12.09 -13.85 1.05
CA GLY A 61 -11.86 -12.90 2.11
C GLY A 61 -10.89 -11.84 1.64
N ILE A 62 -10.43 -11.00 2.55
CA ILE A 62 -9.40 -10.05 2.18
C ILE A 62 -8.12 -10.48 2.87
N SER A 63 -7.20 -10.91 2.03
CA SER A 63 -5.88 -11.35 2.45
C SER A 63 -4.97 -10.15 2.60
N MET A 64 -3.86 -10.37 3.28
CA MET A 64 -2.83 -9.36 3.42
C MET A 64 -2.48 -8.79 2.04
N SER A 65 -2.36 -9.67 1.06
CA SER A 65 -2.06 -9.26 -0.31
C SER A 65 -3.15 -8.35 -0.85
N ALA A 66 -4.40 -8.77 -0.69
CA ALA A 66 -5.53 -8.01 -1.19
C ALA A 66 -5.60 -6.67 -0.49
N CYS A 67 -5.53 -6.74 0.85
CA CYS A 67 -5.62 -5.55 1.68
CA CYS A 67 -5.61 -5.56 1.70
C CYS A 67 -4.61 -4.49 1.28
N ARG A 68 -3.34 -4.87 1.18
CA ARG A 68 -2.30 -3.90 0.88
C ARG A 68 -2.43 -3.35 -0.54
N GLU A 69 -2.83 -4.19 -1.48
CA GLU A 69 -3.04 -3.73 -2.85
C GLU A 69 -4.12 -2.65 -2.89
N ILE A 70 -5.22 -2.87 -2.17
CA ILE A 70 -6.30 -1.89 -2.14
C ILE A 70 -5.83 -0.64 -1.41
N ALA A 71 -5.20 -0.84 -0.24
CA ALA A 71 -4.70 0.26 0.56
C ALA A 71 -3.86 1.24 -0.24
N LEU A 72 -2.92 0.72 -1.03
CA LEU A 72 -1.97 1.57 -1.74
C LEU A 72 -2.55 2.12 -3.07
N LEU A 73 -3.30 1.30 -3.79
CA LEU A 73 -3.92 1.75 -5.03
C LEU A 73 -5.00 2.80 -4.76
N ARG A 74 -5.61 2.72 -3.58
CA ARG A 74 -6.61 3.70 -3.17
C ARG A 74 -6.01 5.10 -3.06
N GLU A 75 -4.69 5.17 -2.91
CA GLU A 75 -3.99 6.44 -2.70
C GLU A 75 -3.12 6.86 -3.90
N LEU A 76 -2.50 5.91 -4.58
CA LEU A 76 -1.55 6.25 -5.63
C LEU A 76 -2.26 6.83 -6.86
N LYS A 77 -1.78 7.99 -7.31
CA LYS A 77 -2.33 8.63 -8.51
C LYS A 77 -1.18 9.17 -9.37
N HIS A 78 -0.96 8.55 -10.52
CA HIS A 78 0.08 8.99 -11.43
C HIS A 78 -0.25 8.43 -12.82
N PRO A 79 -0.03 9.23 -13.87
CA PRO A 79 -0.37 8.80 -15.23
C PRO A 79 0.28 7.50 -15.68
N ASN A 80 1.44 7.17 -15.13
CA ASN A 80 2.18 5.99 -15.52
C ASN A 80 2.01 4.82 -14.55
N VAL A 81 1.16 4.98 -13.54
CA VAL A 81 0.81 3.88 -12.65
C VAL A 81 -0.67 3.54 -12.84
N ILE A 82 -0.95 2.27 -13.07
CA ILE A 82 -2.31 1.85 -13.36
C ILE A 82 -3.22 2.32 -12.24
N SER A 83 -4.37 2.87 -12.62
CA SER A 83 -5.23 3.57 -11.70
C SER A 83 -6.44 2.71 -11.34
N LEU A 84 -6.62 2.47 -10.04
CA LEU A 84 -7.78 1.74 -9.53
C LEU A 84 -9.04 2.56 -9.65
N GLN A 85 -9.99 2.10 -10.46
CA GLN A 85 -11.25 2.82 -10.65
C GLN A 85 -12.31 2.48 -9.59
N LYS A 86 -12.40 1.22 -9.21
CA LYS A 86 -13.41 0.80 -8.27
C LYS A 86 -13.06 -0.54 -7.64
N VAL A 87 -13.51 -0.73 -6.40
CA VAL A 87 -13.44 -2.01 -5.72
C VAL A 87 -14.85 -2.55 -5.49
N PHE A 88 -15.12 -3.77 -5.95
CA PHE A 88 -16.35 -4.47 -5.61
C PHE A 88 -16.07 -5.62 -4.64
N LEU A 89 -16.87 -5.70 -3.58
CA LEU A 89 -16.78 -6.81 -2.63
C LEU A 89 -18.04 -7.66 -2.74
N SER A 90 -17.87 -8.90 -3.19
CA SER A 90 -18.98 -9.82 -3.37
C SER A 90 -19.13 -10.70 -2.13
N HIS A 91 -20.16 -10.43 -1.34
CA HIS A 91 -20.27 -11.04 -0.03
C HIS A 91 -20.58 -12.54 -0.08
N ALA A 92 -21.42 -12.94 -1.04
CA ALA A 92 -21.83 -14.33 -1.19
C ALA A 92 -20.65 -15.30 -1.25
N ASP A 93 -19.76 -15.07 -2.23
CA ASP A 93 -18.58 -15.92 -2.44
C ASP A 93 -17.33 -15.34 -1.80
N ARG A 94 -17.48 -14.20 -1.14
CA ARG A 94 -16.35 -13.52 -0.51
C ARG A 94 -15.16 -13.31 -1.46
N LYS A 95 -15.45 -12.86 -2.67
CA LYS A 95 -14.41 -12.55 -3.65
C LYS A 95 -14.26 -11.04 -3.77
N VAL A 96 -13.06 -10.61 -4.10
CA VAL A 96 -12.76 -9.20 -4.27
C VAL A 96 -12.49 -8.90 -5.74
N TRP A 97 -13.15 -7.86 -6.25
CA TRP A 97 -12.96 -7.44 -7.64
C TRP A 97 -12.40 -6.03 -7.74
N LEU A 98 -11.34 -5.88 -8.53
CA LEU A 98 -10.73 -4.58 -8.76
C LEU A 98 -10.93 -4.18 -10.21
N LEU A 99 -11.34 -2.93 -10.40
CA LEU A 99 -11.59 -2.38 -11.73
C LEU A 99 -10.50 -1.39 -12.13
N PHE A 100 -9.99 -1.57 -13.34
CA PHE A 100 -8.98 -0.68 -13.92
C PHE A 100 -9.38 -0.31 -15.33
N ASP A 101 -8.85 0.80 -15.84
CA ASP A 101 -8.89 1.05 -17.27
C ASP A 101 -8.10 -0.07 -17.94
N TYR A 102 -8.50 -0.44 -19.15
CA TYR A 102 -7.98 -1.61 -19.83
C TYR A 102 -6.78 -1.28 -20.71
N ALA A 103 -5.67 -1.99 -20.51
CA ALA A 103 -4.49 -1.79 -21.33
C ALA A 103 -4.35 -2.89 -22.38
N GLU A 104 -4.58 -2.52 -23.64
CA GLU A 104 -4.49 -3.45 -24.76
C GLU A 104 -3.13 -4.13 -24.90
N HIS A 105 -2.08 -3.41 -24.53
CA HIS A 105 -0.71 -3.88 -24.81
C HIS A 105 0.16 -3.94 -23.58
N ASP A 106 1.25 -4.68 -23.72
CA ASP A 106 2.25 -4.77 -22.67
C ASP A 106 3.58 -5.10 -23.32
N LEU A 107 4.66 -4.86 -22.59
CA LEU A 107 5.99 -5.06 -23.13
C LEU A 107 6.33 -6.52 -23.43
N TRP A 108 5.72 -7.47 -22.73
CA TRP A 108 6.01 -8.87 -22.99
C TRP A 108 5.58 -9.19 -24.43
N HIS A 109 4.35 -8.84 -24.77
CA HIS A 109 3.81 -9.07 -26.10
C HIS A 109 4.47 -8.19 -27.18
N ILE A 110 4.78 -6.95 -26.85
CA ILE A 110 5.45 -6.08 -27.80
C ILE A 110 6.87 -6.58 -28.14
N ILE A 111 7.64 -6.97 -27.13
CA ILE A 111 8.97 -7.50 -27.36
C ILE A 111 8.89 -8.85 -28.07
N LYS A 112 7.90 -9.67 -27.71
CA LYS A 112 7.73 -10.96 -28.37
C LYS A 112 7.43 -10.77 -29.87
N PHE A 113 6.55 -9.82 -30.19
CA PHE A 113 6.17 -9.53 -31.56
C PHE A 113 7.41 -9.18 -32.41
N HIS A 114 8.31 -8.38 -31.84
CA HIS A 114 9.54 -8.03 -32.53
C HIS A 114 10.50 -9.22 -32.67
N ARG A 115 10.59 -10.04 -31.64
CA ARG A 115 11.57 -11.12 -31.63
C ARG A 115 11.15 -12.21 -32.61
N ALA A 116 9.86 -12.30 -32.88
CA ALA A 116 9.36 -13.23 -33.89
C ALA A 116 9.72 -12.72 -35.29
N SER A 117 9.64 -11.40 -35.45
CA SER A 117 9.91 -10.74 -36.72
C SER A 117 11.35 -10.89 -37.20
N LYS A 118 12.20 -11.56 -36.42
CA LYS A 118 13.54 -11.91 -36.86
C LYS A 118 13.51 -13.01 -37.91
N ALA A 119 12.31 -13.37 -38.37
CA ALA A 119 12.13 -14.36 -39.43
C ALA A 119 11.66 -13.69 -40.72
N GLN A 125 10.21 -0.96 -31.77
CA GLN A 125 11.29 0.00 -31.89
C GLN A 125 11.22 0.72 -33.23
N LEU A 126 10.11 0.54 -33.95
CA LEU A 126 9.99 1.07 -35.31
C LEU A 126 9.86 2.61 -35.31
N PRO A 127 8.92 3.16 -34.52
CA PRO A 127 9.04 4.62 -34.33
C PRO A 127 10.36 4.92 -33.65
N ARG A 128 10.99 6.05 -33.97
CA ARG A 128 12.38 6.27 -33.57
C ARG A 128 12.54 6.31 -32.04
N GLY A 129 11.69 7.08 -31.37
CA GLY A 129 11.83 7.30 -29.95
C GLY A 129 10.99 6.41 -29.06
N MET A 130 10.46 5.32 -29.61
CA MET A 130 9.58 4.44 -28.83
C MET A 130 10.31 3.82 -27.63
N VAL A 131 11.50 3.29 -27.88
CA VAL A 131 12.26 2.66 -26.81
C VAL A 131 12.49 3.69 -25.71
N LYS A 132 13.00 4.85 -26.12
CA LYS A 132 13.32 5.92 -25.20
C LYS A 132 12.08 6.42 -24.47
N SER A 133 10.98 6.56 -25.21
CA SER A 133 9.72 6.99 -24.60
C SER A 133 9.23 5.99 -23.56
N LEU A 134 9.29 4.71 -23.89
CA LEU A 134 8.91 3.66 -22.97
C LEU A 134 9.73 3.76 -21.68
N LEU A 135 11.06 3.81 -21.83
CA LEU A 135 11.94 3.86 -20.67
C LEU A 135 11.65 5.09 -19.82
N TYR A 136 11.52 6.26 -20.44
CA TYR A 136 11.27 7.47 -19.66
C TYR A 136 10.00 7.33 -18.82
N GLN A 137 8.96 6.76 -19.41
CA GLN A 137 7.69 6.66 -18.71
C GLN A 137 7.76 5.60 -17.61
N ILE A 138 8.46 4.51 -17.88
CA ILE A 138 8.69 3.53 -16.83
C ILE A 138 9.41 4.18 -15.65
N LEU A 139 10.46 4.92 -15.94
CA LEU A 139 11.21 5.62 -14.90
C LEU A 139 10.32 6.62 -14.17
N ASP A 140 9.52 7.37 -14.93
CA ASP A 140 8.59 8.33 -14.33
C ASP A 140 7.67 7.66 -13.30
N GLY A 141 7.07 6.54 -13.70
CA GLY A 141 6.17 5.82 -12.82
C GLY A 141 6.82 5.24 -11.58
N ILE A 142 7.98 4.63 -11.74
CA ILE A 142 8.69 4.03 -10.62
C ILE A 142 9.20 5.11 -9.67
N HIS A 143 9.66 6.22 -10.23
CA HIS A 143 10.07 7.34 -9.39
C HIS A 143 8.91 7.81 -8.51
N TYR A 144 7.69 7.81 -9.03
CA TYR A 144 6.54 8.26 -8.25
C TYR A 144 6.30 7.29 -7.10
N LEU A 145 6.42 5.99 -7.38
CA LEU A 145 6.27 4.99 -6.33
C LEU A 145 7.36 5.15 -5.27
N HIS A 146 8.59 5.26 -5.74
CA HIS A 146 9.72 5.30 -4.84
C HIS A 146 9.63 6.55 -3.97
N ALA A 147 9.24 7.68 -4.56
CA ALA A 147 9.10 8.91 -3.78
C ALA A 147 8.04 8.77 -2.68
N ASN A 148 7.10 7.85 -2.88
CA ASN A 148 6.10 7.56 -1.88
C ASN A 148 6.46 6.34 -1.03
N TRP A 149 7.73 5.91 -1.13
CA TRP A 149 8.25 4.80 -0.35
C TRP A 149 7.48 3.52 -0.64
N VAL A 150 7.12 3.35 -1.91
CA VAL A 150 6.47 2.12 -2.37
C VAL A 150 7.39 1.47 -3.38
N LEU A 151 7.79 0.23 -3.10
CA LEU A 151 8.58 -0.56 -4.03
C LEU A 151 7.65 -1.36 -4.90
N HIS A 152 8.05 -1.62 -6.14
CA HIS A 152 7.28 -2.51 -7.01
C HIS A 152 7.54 -3.97 -6.69
N ARG A 153 8.83 -4.33 -6.70
CA ARG A 153 9.33 -5.63 -6.23
C ARG A 153 9.12 -6.81 -7.17
N ASP A 154 8.53 -6.58 -8.34
CA ASP A 154 8.27 -7.67 -9.28
C ASP A 154 8.23 -7.14 -10.71
N LEU A 155 9.11 -6.20 -11.02
CA LEU A 155 9.07 -5.56 -12.32
C LEU A 155 9.54 -6.50 -13.43
N LYS A 156 8.78 -6.50 -14.53
CA LYS A 156 9.10 -7.31 -15.70
C LYS A 156 8.26 -6.84 -16.88
N PRO A 157 8.66 -7.16 -18.11
CA PRO A 157 7.94 -6.71 -19.31
C PRO A 157 6.42 -6.94 -19.26
N ALA A 158 5.99 -8.03 -18.63
CA ALA A 158 4.59 -8.42 -18.65
C ALA A 158 3.70 -7.47 -17.87
N ASN A 159 4.25 -6.73 -16.90
CA ASN A 159 3.44 -5.77 -16.16
C ASN A 159 3.90 -4.32 -16.40
N ILE A 160 4.61 -4.10 -17.49
CA ILE A 160 4.69 -2.78 -18.09
C ILE A 160 3.62 -2.77 -19.17
N LEU A 161 2.44 -2.28 -18.81
CA LEU A 161 1.35 -2.18 -19.76
C LEU A 161 1.50 -0.92 -20.62
N VAL A 162 0.87 -0.94 -21.78
CA VAL A 162 0.79 0.22 -22.65
C VAL A 162 -0.63 0.37 -23.22
N MET A 163 -1.22 1.53 -23.03
CA MET A 163 -2.57 1.77 -23.51
C MET A 163 -2.67 1.77 -25.04
N GLY A 164 -3.73 1.16 -25.56
CA GLY A 164 -4.02 1.18 -26.99
C GLY A 164 -4.86 2.37 -27.37
N GLU A 165 -5.47 2.32 -28.56
CA GLU A 165 -6.28 3.43 -29.06
C GLU A 165 -7.27 3.95 -28.02
N GLY A 166 -7.40 5.28 -27.97
CA GLY A 166 -8.19 5.95 -26.94
C GLY A 166 -7.43 7.16 -26.46
N PRO A 167 -7.97 7.88 -25.46
CA PRO A 167 -7.38 9.15 -25.04
C PRO A 167 -6.02 9.02 -24.36
N GLU A 168 -5.57 7.80 -24.09
CA GLU A 168 -4.26 7.59 -23.48
C GLU A 168 -3.35 6.77 -24.39
N ARG A 169 -3.64 6.83 -25.69
CA ARG A 169 -2.89 6.10 -26.69
C ARG A 169 -1.39 6.12 -26.46
N GLY A 170 -0.80 4.94 -26.21
CA GLY A 170 0.64 4.82 -26.09
C GLY A 170 1.20 5.23 -24.75
N ARG A 171 0.37 5.31 -23.72
CA ARG A 171 0.86 5.65 -22.40
C ARG A 171 1.19 4.40 -21.58
N VAL A 172 2.39 4.37 -21.01
CA VAL A 172 2.81 3.28 -20.13
C VAL A 172 2.00 3.27 -18.83
N LYS A 173 1.60 2.07 -18.40
CA LYS A 173 0.97 1.88 -17.09
C LYS A 173 1.68 0.78 -16.32
N ILE A 174 2.35 1.13 -15.24
CA ILE A 174 2.99 0.12 -14.42
C ILE A 174 1.90 -0.59 -13.63
N ALA A 175 1.90 -1.92 -13.68
CA ALA A 175 0.87 -2.69 -12.99
C ALA A 175 1.48 -3.84 -12.18
N ASP A 176 0.60 -4.51 -11.46
CA ASP A 176 0.91 -5.72 -10.72
C ASP A 176 2.06 -5.53 -9.74
N MET A 177 2.04 -4.42 -9.01
CA MET A 177 2.99 -4.18 -7.93
C MET A 177 2.95 -5.32 -6.91
N GLY A 178 4.12 -5.75 -6.45
CA GLY A 178 4.23 -6.77 -5.43
C GLY A 178 3.92 -6.17 -4.08
N PHE A 179 2.64 -5.88 -3.85
CA PHE A 179 2.23 -5.05 -2.72
C PHE A 179 2.40 -5.74 -1.37
N ALA A 180 2.36 -7.08 -1.36
CA ALA A 180 2.53 -7.83 -0.13
C ALA A 180 3.72 -8.80 -0.17
N ARG A 181 4.71 -8.51 0.66
N ARG A 181 4.72 -8.50 0.65
CA ARG A 181 5.86 -9.40 0.86
CA ARG A 181 5.86 -9.37 0.87
C ARG A 181 6.15 -9.44 2.35
C ARG A 181 6.12 -9.42 2.36
N LEU A 182 6.01 -10.61 2.96
CA LEU A 182 6.24 -10.75 4.39
C LEU A 182 7.59 -10.18 4.83
N PHE A 183 7.54 -9.31 5.83
CA PHE A 183 8.71 -8.62 6.34
C PHE A 183 9.53 -7.97 5.23
N ASN A 184 8.85 -7.53 4.17
CA ASN A 184 9.51 -6.93 3.02
C ASN A 184 10.70 -7.80 2.57
N SER A 185 10.53 -9.12 2.66
CA SER A 185 11.62 -10.05 2.41
C SER A 185 11.41 -10.87 1.12
N PRO A 186 12.46 -11.00 0.30
CA PRO A 186 12.38 -11.90 -0.85
C PRO A 186 12.37 -13.37 -0.44
N LEU A 187 12.70 -13.65 0.81
CA LEU A 187 12.96 -15.02 1.25
C LEU A 187 11.70 -15.68 1.80
N LYS A 188 10.61 -14.93 1.82
CA LYS A 188 9.33 -15.43 2.31
C LYS A 188 8.37 -15.61 1.13
N PRO A 189 7.80 -16.82 0.96
CA PRO A 189 6.84 -17.04 -0.13
C PRO A 189 5.44 -16.54 0.22
N THR A 199 10.74 -17.03 -13.65
CA THR A 199 12.17 -16.87 -13.91
C THR A 199 12.81 -15.79 -13.05
N PHE A 200 14.13 -15.75 -13.10
CA PHE A 200 14.91 -14.81 -12.30
C PHE A 200 15.68 -13.83 -13.17
N TRP A 201 15.25 -13.70 -14.43
CA TRP A 201 16.00 -12.87 -15.39
C TRP A 201 16.11 -11.40 -15.00
N TYR A 202 15.20 -10.92 -14.15
CA TYR A 202 15.10 -9.49 -13.84
C TYR A 202 15.52 -9.22 -12.41
N ARG A 203 15.98 -10.27 -11.72
CA ARG A 203 16.42 -10.15 -10.33
C ARG A 203 17.83 -9.62 -10.19
N ALA A 204 18.00 -8.63 -9.32
CA ALA A 204 19.30 -8.01 -9.09
C ALA A 204 20.27 -9.00 -8.41
N PRO A 205 21.58 -8.81 -8.62
CA PRO A 205 22.51 -9.80 -8.06
C PRO A 205 22.43 -9.91 -6.54
N GLU A 206 22.08 -8.85 -5.83
CA GLU A 206 22.03 -8.93 -4.36
C GLU A 206 20.92 -9.88 -3.91
N LEU A 207 19.85 -9.94 -4.68
CA LEU A 207 18.76 -10.88 -4.41
C LEU A 207 19.28 -12.29 -4.54
N LEU A 208 20.04 -12.52 -5.58
CA LEU A 208 20.53 -13.85 -5.88
C LEU A 208 21.58 -14.26 -4.86
N LEU A 209 22.14 -13.29 -4.14
CA LEU A 209 23.13 -13.55 -3.11
C LEU A 209 22.56 -13.41 -1.70
N GLY A 210 21.24 -13.45 -1.58
CA GLY A 210 20.61 -13.56 -0.28
C GLY A 210 20.23 -12.28 0.42
N ALA A 211 20.11 -11.17 -0.33
CA ALA A 211 19.58 -9.94 0.23
C ALA A 211 18.31 -10.22 1.00
N ARG A 212 18.17 -9.57 2.16
CA ARG A 212 17.11 -9.86 3.11
C ARG A 212 15.87 -9.00 2.86
N HIS A 213 16.03 -7.91 2.12
CA HIS A 213 14.97 -6.92 1.96
C HIS A 213 14.93 -6.33 0.56
N TYR A 214 13.72 -6.07 0.05
CA TYR A 214 13.60 -5.39 -1.22
C TYR A 214 14.02 -3.95 -0.99
N THR A 215 14.54 -3.32 -2.05
CA THR A 215 15.09 -1.97 -2.00
C THR A 215 14.75 -1.26 -3.30
N LYS A 216 14.96 0.06 -3.34
CA LYS A 216 14.73 0.83 -4.55
C LYS A 216 15.65 0.34 -5.66
N ALA A 217 16.91 0.06 -5.28
CA ALA A 217 17.90 -0.30 -6.26
C ALA A 217 17.52 -1.59 -6.98
N ILE A 218 16.84 -2.50 -6.27
CA ILE A 218 16.41 -3.76 -6.87
C ILE A 218 15.39 -3.51 -8.00
N ASP A 219 14.46 -2.58 -7.80
CA ASP A 219 13.59 -2.18 -8.91
C ASP A 219 14.42 -1.59 -10.07
N ILE A 220 15.39 -0.73 -9.78
CA ILE A 220 16.17 -0.12 -10.85
C ILE A 220 16.94 -1.16 -11.69
N TRP A 221 17.44 -2.21 -11.05
CA TRP A 221 18.08 -3.26 -11.80
C TRP A 221 17.11 -3.83 -12.82
N ALA A 222 15.88 -4.10 -12.38
CA ALA A 222 14.89 -4.69 -13.27
C ALA A 222 14.56 -3.77 -14.46
N ILE A 223 14.59 -2.47 -14.23
CA ILE A 223 14.35 -1.51 -15.31
C ILE A 223 15.50 -1.57 -16.32
N GLY A 224 16.73 -1.65 -15.82
CA GLY A 224 17.89 -1.84 -16.68
C GLY A 224 17.72 -3.05 -17.59
N CYS A 225 17.33 -4.17 -17.00
CA CYS A 225 17.10 -5.38 -17.79
C CYS A 225 16.06 -5.10 -18.87
N ILE A 226 15.01 -4.39 -18.52
CA ILE A 226 13.92 -4.14 -19.46
C ILE A 226 14.42 -3.25 -20.61
N PHE A 227 15.20 -2.23 -20.27
CA PHE A 227 15.80 -1.34 -21.26
C PHE A 227 16.67 -2.14 -22.24
N ALA A 228 17.53 -3.00 -21.73
CA ALA A 228 18.40 -3.82 -22.60
C ALA A 228 17.55 -4.68 -23.53
N GLU A 229 16.52 -5.27 -22.97
CA GLU A 229 15.61 -6.13 -23.72
C GLU A 229 14.86 -5.31 -24.80
N LEU A 230 14.54 -4.06 -24.52
CA LEU A 230 13.89 -3.21 -25.52
C LEU A 230 14.86 -2.89 -26.67
N LEU A 231 16.12 -2.62 -26.34
CA LEU A 231 17.15 -2.36 -27.35
C LEU A 231 17.48 -3.56 -28.23
N THR A 232 17.48 -4.77 -27.67
CA THR A 232 17.92 -5.97 -28.38
C THR A 232 16.81 -6.96 -28.76
N SER A 233 15.65 -6.83 -28.12
CA SER A 233 14.53 -7.77 -28.25
C SER A 233 14.86 -9.11 -27.59
N GLU A 234 15.94 -9.16 -26.81
CA GLU A 234 16.30 -10.38 -26.12
C GLU A 234 16.51 -10.12 -24.63
N PRO A 235 16.07 -11.05 -23.76
CA PRO A 235 16.31 -10.86 -22.33
C PRO A 235 17.80 -10.95 -22.03
N ILE A 236 18.41 -9.88 -21.53
CA ILE A 236 19.85 -9.83 -21.43
C ILE A 236 20.39 -10.94 -20.53
N PHE A 237 19.68 -11.26 -19.45
CA PHE A 237 20.12 -12.31 -18.54
C PHE A 237 19.22 -13.54 -18.64
N HIS A 238 18.92 -13.91 -19.87
CA HIS A 238 18.20 -15.15 -20.18
C HIS A 238 18.91 -16.36 -19.59
N CYS A 239 18.11 -17.29 -19.08
CA CYS A 239 18.62 -18.40 -18.27
C CYS A 239 17.52 -19.47 -18.23
N ARG A 240 17.85 -20.72 -17.92
CA ARG A 240 16.84 -21.76 -17.85
C ARG A 240 15.89 -21.52 -16.68
N GLN A 241 14.67 -22.03 -16.82
CA GLN A 241 13.56 -21.75 -15.92
C GLN A 241 13.38 -22.77 -14.80
N GLU A 242 12.43 -22.49 -13.91
CA GLU A 242 11.61 -23.52 -13.28
C GLU A 242 10.20 -22.97 -13.08
N SER A 247 12.92 -22.20 -2.30
CA SER A 247 12.95 -21.28 -1.15
C SER A 247 14.26 -20.51 -1.08
N ASN A 248 15.38 -21.20 -1.34
CA ASN A 248 16.71 -20.61 -1.28
C ASN A 248 16.92 -19.63 -2.44
N PRO A 249 17.46 -18.43 -2.14
CA PRO A 249 17.59 -17.36 -3.16
C PRO A 249 18.79 -17.54 -4.12
N TYR A 250 19.77 -18.33 -3.71
CA TYR A 250 20.94 -18.54 -4.54
C TYR A 250 20.59 -19.37 -5.77
N HIS A 251 20.82 -18.78 -6.95
N HIS A 251 20.86 -18.81 -6.95
CA HIS A 251 20.61 -19.47 -8.23
CA HIS A 251 20.61 -19.53 -8.20
C HIS A 251 21.89 -19.39 -9.06
C HIS A 251 21.83 -19.43 -9.11
N HIS A 252 22.61 -20.52 -9.12
CA HIS A 252 23.89 -20.58 -9.79
C HIS A 252 23.90 -20.14 -11.26
N ASP A 253 22.97 -20.67 -12.04
CA ASP A 253 22.98 -20.44 -13.48
C ASP A 253 22.61 -19.01 -13.83
N GLN A 254 21.80 -18.39 -12.99
CA GLN A 254 21.39 -17.01 -13.23
C GLN A 254 22.57 -16.08 -12.94
N LEU A 255 23.32 -16.37 -11.89
CA LEU A 255 24.53 -15.61 -11.59
C LEU A 255 25.56 -15.82 -12.71
N ASP A 256 25.69 -17.06 -13.17
CA ASP A 256 26.59 -17.40 -14.27
C ASP A 256 26.27 -16.56 -15.50
N ARG A 257 24.98 -16.44 -15.83
CA ARG A 257 24.55 -15.66 -16.99
C ARG A 257 24.88 -14.18 -16.82
N ILE A 258 24.63 -13.65 -15.62
CA ILE A 258 24.95 -12.25 -15.34
C ILE A 258 26.45 -12.01 -15.51
N PHE A 259 27.29 -12.88 -14.92
CA PHE A 259 28.73 -12.71 -15.05
C PHE A 259 29.19 -12.89 -16.50
N ASN A 260 28.58 -13.83 -17.22
CA ASN A 260 28.89 -14.00 -18.64
C ASN A 260 28.59 -12.74 -19.44
N VAL A 261 27.59 -11.98 -18.99
CA VAL A 261 27.27 -10.71 -19.63
C VAL A 261 28.07 -9.55 -19.04
N MET A 262 28.01 -9.39 -17.73
CA MET A 262 28.58 -8.20 -17.08
C MET A 262 30.07 -8.31 -16.79
N GLY A 263 30.59 -9.54 -16.72
CA GLY A 263 31.89 -9.77 -16.12
C GLY A 263 31.68 -10.02 -14.63
N PHE A 264 32.74 -10.46 -13.97
CA PHE A 264 32.72 -10.80 -12.55
C PHE A 264 33.23 -9.62 -11.74
N PRO A 265 32.46 -9.16 -10.75
CA PRO A 265 32.82 -7.91 -10.06
C PRO A 265 34.14 -7.99 -9.33
N ALA A 266 34.92 -6.92 -9.43
CA ALA A 266 36.14 -6.81 -8.63
C ALA A 266 35.74 -6.38 -7.23
N ASP A 267 36.69 -6.44 -6.30
CA ASP A 267 36.44 -6.01 -4.93
C ASP A 267 36.04 -4.54 -4.91
N LYS A 268 36.73 -3.74 -5.72
CA LYS A 268 36.50 -2.30 -5.76
C LYS A 268 35.17 -1.95 -6.41
N ASP A 269 34.65 -2.84 -7.24
CA ASP A 269 33.35 -2.67 -7.88
C ASP A 269 32.20 -2.80 -6.87
N TRP A 270 32.34 -3.76 -5.95
CA TRP A 270 31.26 -4.05 -5.04
C TRP A 270 31.84 -4.46 -3.69
N GLU A 271 32.38 -3.48 -2.99
CA GLU A 271 33.13 -3.70 -1.75
C GLU A 271 32.32 -4.43 -0.69
N ASP A 272 31.03 -4.10 -0.60
CA ASP A 272 30.14 -4.69 0.38
C ASP A 272 29.63 -6.09 0.00
N ILE A 273 30.14 -6.66 -1.09
CA ILE A 273 29.63 -7.95 -1.51
C ILE A 273 29.91 -8.97 -0.42
N LYS A 274 31.01 -8.77 0.30
CA LYS A 274 31.39 -9.62 1.43
C LYS A 274 30.31 -9.73 2.52
N LYS A 275 29.38 -8.77 2.52
CA LYS A 275 28.32 -8.74 3.53
C LYS A 275 27.09 -9.55 3.12
N MET A 276 27.09 -10.07 1.89
CA MET A 276 25.95 -10.83 1.40
C MET A 276 25.98 -12.24 1.98
N PRO A 277 24.82 -12.77 2.41
CA PRO A 277 24.80 -14.10 3.06
C PRO A 277 25.38 -15.24 2.22
N GLU A 278 25.29 -15.11 0.91
CA GLU A 278 25.72 -16.16 0.00
C GLU A 278 27.09 -15.91 -0.63
N HIS A 279 27.80 -14.89 -0.12
CA HIS A 279 29.11 -14.52 -0.66
C HIS A 279 30.08 -15.71 -0.66
N SER A 280 30.12 -16.45 0.43
CA SER A 280 31.03 -17.59 0.51
C SER A 280 30.65 -18.67 -0.49
N THR A 281 29.35 -18.84 -0.70
CA THR A 281 28.84 -19.76 -1.70
C THR A 281 29.27 -19.35 -3.11
N LEU A 282 29.16 -18.06 -3.41
CA LEU A 282 29.66 -17.49 -4.66
C LEU A 282 31.14 -17.80 -4.86
N MET A 283 31.95 -17.57 -3.81
CA MET A 283 33.39 -17.82 -3.87
C MET A 283 33.66 -19.30 -4.14
N LYS A 284 32.93 -20.16 -3.46
CA LYS A 284 33.10 -21.60 -3.61
C LYS A 284 32.82 -22.04 -5.04
N ASP A 285 31.91 -21.34 -5.72
CA ASP A 285 31.42 -21.79 -7.03
C ASP A 285 32.09 -21.11 -8.23
N PHE A 286 32.56 -19.89 -8.05
CA PHE A 286 32.94 -19.05 -9.17
C PHE A 286 34.37 -18.57 -9.07
N ARG A 287 35.09 -18.68 -10.19
CA ARG A 287 36.40 -18.08 -10.32
C ARG A 287 36.30 -16.84 -11.22
N ARG A 288 36.80 -15.72 -10.72
CA ARG A 288 36.91 -14.48 -11.50
C ARG A 288 37.40 -14.70 -12.92
N ASN A 289 38.49 -15.46 -13.06
CA ASN A 289 39.14 -15.65 -14.35
C ASN A 289 38.27 -16.29 -15.41
N THR A 290 37.24 -17.04 -14.99
CA THR A 290 36.25 -17.58 -15.93
C THR A 290 35.61 -16.51 -16.83
N TYR A 291 35.56 -15.26 -16.39
CA TYR A 291 34.80 -14.22 -17.09
C TYR A 291 35.64 -13.03 -17.55
N THR A 292 36.92 -13.26 -17.79
CA THR A 292 37.87 -12.16 -17.94
C THR A 292 37.63 -11.30 -19.18
N ASN A 293 37.07 -11.89 -20.24
CA ASN A 293 36.75 -11.14 -21.45
C ASN A 293 35.25 -10.86 -21.60
N CYS A 294 34.55 -10.81 -20.47
CA CYS A 294 33.11 -10.55 -20.47
C CYS A 294 32.82 -9.13 -20.00
N SER A 295 31.98 -8.42 -20.73
CA SER A 295 31.57 -7.07 -20.34
C SER A 295 30.26 -6.67 -21.02
N LEU A 296 29.53 -5.76 -20.39
CA LEU A 296 28.30 -5.25 -21.00
C LEU A 296 28.59 -4.66 -22.37
N ILE A 297 29.74 -3.97 -22.49
CA ILE A 297 30.15 -3.38 -23.74
C ILE A 297 30.25 -4.39 -24.88
N LYS A 298 30.92 -5.52 -24.63
CA LYS A 298 31.03 -6.56 -25.65
C LYS A 298 29.66 -7.17 -25.91
N TYR A 299 28.86 -7.34 -24.87
CA TYR A 299 27.53 -7.90 -25.04
C TYR A 299 26.70 -7.01 -25.98
N MET A 300 26.60 -5.72 -25.68
CA MET A 300 25.79 -4.82 -26.50
C MET A 300 26.37 -4.60 -27.91
N GLU A 301 27.69 -4.70 -28.08
CA GLU A 301 28.31 -4.61 -29.41
C GLU A 301 27.89 -5.78 -30.32
N LYS A 302 27.66 -6.94 -29.74
CA LYS A 302 27.19 -8.09 -30.51
C LYS A 302 25.73 -7.94 -30.95
N HIS A 303 24.97 -7.10 -30.24
CA HIS A 303 23.57 -6.86 -30.59
C HIS A 303 23.40 -5.48 -31.19
N LYS A 304 24.45 -5.02 -31.88
CA LYS A 304 24.38 -3.79 -32.68
C LYS A 304 23.97 -2.55 -31.89
N VAL A 305 24.44 -2.46 -30.64
CA VAL A 305 24.25 -1.24 -29.84
C VAL A 305 25.61 -0.58 -29.63
N LYS A 306 25.73 0.68 -30.05
CA LYS A 306 27.00 1.41 -30.00
C LYS A 306 27.38 1.75 -28.56
N PRO A 307 28.58 1.33 -28.12
CA PRO A 307 28.91 1.59 -26.72
C PRO A 307 29.11 3.06 -26.38
N ASP A 308 29.28 3.91 -27.39
CA ASP A 308 29.47 5.33 -27.12
C ASP A 308 28.17 6.10 -27.22
N SER A 309 27.06 5.39 -27.43
CA SER A 309 25.75 6.03 -27.47
C SER A 309 25.35 6.46 -26.06
N LYS A 310 24.52 7.50 -25.97
CA LYS A 310 23.99 7.92 -24.67
C LYS A 310 23.13 6.81 -24.11
N ALA A 311 22.43 6.11 -24.99
CA ALA A 311 21.64 4.96 -24.57
C ALA A 311 22.49 3.98 -23.78
N PHE A 312 23.65 3.61 -24.32
CA PHE A 312 24.45 2.58 -23.65
C PHE A 312 24.96 3.06 -22.29
N HIS A 313 25.43 4.30 -22.22
CA HIS A 313 25.98 4.80 -20.98
C HIS A 313 24.93 4.83 -19.87
N LEU A 314 23.68 5.14 -20.23
CA LEU A 314 22.60 5.12 -19.25
C LEU A 314 22.28 3.68 -18.85
N LEU A 315 22.22 2.77 -19.82
CA LEU A 315 21.98 1.36 -19.52
C LEU A 315 23.02 0.86 -18.51
N GLN A 316 24.27 1.24 -18.71
CA GLN A 316 25.36 0.80 -17.84
C GLN A 316 25.18 1.32 -16.42
N LYS A 317 24.54 2.47 -16.28
CA LYS A 317 24.33 3.05 -14.97
C LYS A 317 23.16 2.39 -14.21
N LEU A 318 22.23 1.81 -14.95
CA LEU A 318 21.14 1.04 -14.34
C LEU A 318 21.60 -0.35 -13.93
N LEU A 319 22.38 -0.98 -14.80
CA LEU A 319 22.89 -2.32 -14.56
C LEU A 319 24.25 -2.28 -13.86
N THR A 320 24.30 -1.60 -12.73
CA THR A 320 25.47 -1.62 -11.88
C THR A 320 25.33 -2.75 -10.89
N MET A 321 26.39 -3.53 -10.73
CA MET A 321 26.37 -4.72 -9.88
C MET A 321 26.08 -4.35 -8.43
N ASP A 322 26.88 -3.44 -7.90
CA ASP A 322 26.73 -2.99 -6.52
C ASP A 322 25.47 -2.11 -6.40
N PRO A 323 24.48 -2.54 -5.60
CA PRO A 323 23.27 -1.73 -5.56
C PRO A 323 23.46 -0.25 -5.15
N ILE A 324 24.46 0.07 -4.33
CA ILE A 324 24.61 1.46 -3.87
C ILE A 324 25.28 2.35 -4.92
N LYS A 325 25.82 1.73 -5.98
CA LYS A 325 26.40 2.45 -7.10
C LYS A 325 25.43 2.53 -8.28
N ARG A 326 24.23 1.99 -8.09
CA ARG A 326 23.19 1.99 -9.11
C ARG A 326 22.49 3.36 -9.08
N ILE A 327 22.31 3.94 -10.26
CA ILE A 327 21.60 5.20 -10.43
C ILE A 327 20.16 5.14 -9.85
N THR A 328 19.67 6.25 -9.31
CA THR A 328 18.27 6.34 -8.88
C THR A 328 17.36 6.68 -10.06
N SER A 329 16.08 6.38 -9.94
CA SER A 329 15.15 6.65 -11.03
C SER A 329 15.16 8.15 -11.40
N GLU A 330 15.26 9.03 -10.42
CA GLU A 330 15.26 10.46 -10.72
C GLU A 330 16.51 10.87 -11.50
N GLN A 331 17.65 10.30 -11.14
CA GLN A 331 18.90 10.64 -11.81
C GLN A 331 18.85 10.10 -13.24
N ALA A 332 18.18 8.97 -13.39
CA ALA A 332 18.02 8.40 -14.72
C ALA A 332 17.14 9.30 -15.59
N MET A 333 16.12 9.90 -15.00
CA MET A 333 15.19 10.72 -15.80
C MET A 333 15.89 11.98 -16.30
N GLN A 334 16.91 12.41 -15.57
CA GLN A 334 17.68 13.59 -15.94
C GLN A 334 18.82 13.30 -16.90
N ASP A 335 18.98 12.04 -17.28
CA ASP A 335 20.06 11.68 -18.17
C ASP A 335 19.97 12.42 -19.50
N PRO A 336 21.12 12.89 -20.04
CA PRO A 336 21.08 13.63 -21.30
C PRO A 336 20.61 12.80 -22.48
N TYR A 337 20.60 11.47 -22.33
CA TYR A 337 19.90 10.58 -23.26
C TYR A 337 18.54 11.15 -23.68
N PHE A 338 17.81 11.64 -22.70
CA PHE A 338 16.45 12.08 -22.91
C PHE A 338 16.39 13.50 -23.45
N LEU A 339 17.55 14.14 -23.55
CA LEU A 339 17.67 15.46 -24.18
C LEU A 339 18.12 15.34 -25.64
N GLU A 340 18.59 14.16 -26.02
CA GLU A 340 19.09 13.87 -27.35
C GLU A 340 17.95 13.50 -28.29
N ASP A 341 18.05 13.89 -29.56
CA ASP A 341 17.05 13.52 -30.54
C ASP A 341 17.02 12.01 -30.78
N PRO A 342 15.83 11.39 -30.85
CA PRO A 342 14.46 11.92 -30.71
C PRO A 342 14.03 12.02 -29.26
N LEU A 343 13.24 13.03 -28.92
CA LEU A 343 12.78 13.22 -27.54
C LEU A 343 11.68 12.23 -27.17
N PRO A 344 11.56 11.93 -25.86
CA PRO A 344 10.49 11.06 -25.38
C PRO A 344 9.15 11.67 -25.71
N THR A 345 8.16 10.86 -26.05
CA THR A 345 6.82 11.36 -26.35
C THR A 345 5.82 10.76 -25.38
N SER A 346 4.76 11.51 -25.10
CA SER A 346 3.66 11.05 -24.27
C SER A 346 3.02 9.78 -24.83
N ASP A 347 2.93 9.72 -26.16
CA ASP A 347 2.46 8.52 -26.86
C ASP A 347 3.70 7.79 -27.39
N VAL A 348 3.99 6.61 -26.84
CA VAL A 348 5.21 5.90 -27.23
C VAL A 348 5.16 5.44 -28.68
N PHE A 349 3.95 5.38 -29.24
CA PHE A 349 3.77 4.99 -30.63
C PHE A 349 3.92 6.22 -31.56
N ALA A 350 3.89 7.41 -30.95
CA ALA A 350 4.12 8.66 -31.68
C ALA A 350 3.25 8.79 -32.93
N GLY A 351 1.94 8.66 -32.75
CA GLY A 351 1.00 8.83 -33.85
C GLY A 351 0.93 7.67 -34.82
N CYS A 352 2.00 6.89 -34.91
CA CYS A 352 2.08 5.78 -35.86
C CYS A 352 0.99 4.74 -35.61
N GLN A 353 0.59 4.05 -36.67
CA GLN A 353 -0.33 2.94 -36.57
C GLN A 353 0.26 1.83 -35.71
N ILE A 354 -0.54 1.34 -34.75
CA ILE A 354 -0.13 0.27 -33.87
C ILE A 354 -0.22 -1.07 -34.60
N PRO A 355 0.93 -1.74 -34.83
CA PRO A 355 0.90 -3.00 -35.59
C PRO A 355 0.64 -4.21 -34.70
N TYR A 356 0.61 -4.00 -33.39
CA TYR A 356 0.57 -5.11 -32.46
C TYR A 356 -0.83 -5.70 -32.40
N PRO A 357 -0.93 -7.05 -32.33
CA PRO A 357 -2.26 -7.67 -32.19
C PRO A 357 -2.92 -7.33 -30.86
N LYS A 358 -4.24 -7.24 -30.86
CA LYS A 358 -5.01 -7.11 -29.63
C LYS A 358 -4.92 -8.42 -28.84
N ARG A 359 -5.34 -8.38 -27.57
CA ARG A 359 -5.28 -9.58 -26.71
C ARG A 359 -6.28 -10.64 -27.14
N GLU A 360 -5.85 -11.91 -27.07
CA GLU A 360 -6.75 -13.01 -27.35
C GLU A 360 -7.33 -13.50 -26.03
N PHE A 361 -8.58 -13.95 -26.06
CA PHE A 361 -9.24 -14.42 -24.85
C PHE A 361 -8.86 -15.85 -24.52
N LEU A 362 -8.99 -16.21 -23.25
CA LEU A 362 -8.64 -17.54 -22.77
C LEU A 362 -9.89 -18.37 -22.51
N THR A 363 -10.10 -19.41 -23.31
CA THR A 363 -11.26 -20.29 -23.15
C THR A 363 -10.85 -21.62 -22.53
N GLU A 364 -9.70 -21.64 -21.83
CA GLU A 364 -9.20 -22.86 -21.19
C GLU A 364 -9.93 -23.12 -19.89
N GLU A 365 -10.06 -24.40 -19.55
CA GLU A 365 -10.81 -24.83 -18.37
C GLU A 365 -9.88 -25.29 -17.23
N ASP B 1 8.99 0.98 10.94
CA ASP B 1 8.03 2.03 10.49
C ASP B 1 7.62 1.80 9.04
N ASP B 2 6.31 1.77 8.81
CA ASP B 2 5.76 1.61 7.47
C ASP B 2 5.55 2.99 6.84
N LYS B 3 6.53 3.44 6.08
CA LYS B 3 6.56 4.81 5.57
C LYS B 3 5.84 4.99 4.22
N ALA B 4 5.09 3.99 3.81
CA ALA B 4 4.29 4.08 2.58
C ALA B 4 3.40 5.34 2.54
N MET B 5 3.56 6.13 1.48
CA MET B 5 2.74 7.32 1.22
C MET B 5 3.02 8.48 2.20
N ALA B 6 4.13 8.39 2.92
CA ALA B 6 4.41 9.30 4.05
C ALA B 6 4.32 10.81 3.73
N GLY B 7 4.79 11.23 2.57
CA GLY B 7 4.74 12.64 2.21
C GLY B 7 3.51 13.06 1.40
N ASN B 8 2.49 12.21 1.35
CA ASN B 8 1.40 12.39 0.39
C ASN B 8 0.09 12.90 1.00
N PHE B 9 0.13 13.31 2.27
CA PHE B 9 -1.11 13.59 3.00
C PHE B 9 -2.04 14.55 2.29
N TRP B 10 -1.49 15.60 1.69
CA TRP B 10 -2.31 16.64 1.10
C TRP B 10 -3.04 16.15 -0.15
N GLN B 11 -2.64 15.00 -0.65
CA GLN B 11 -3.32 14.35 -1.77
C GLN B 11 -3.94 13.02 -1.33
N SER B 12 -4.01 12.79 -0.02
CA SER B 12 -4.43 11.48 0.49
C SER B 12 -5.94 11.35 0.66
N SER B 13 -6.42 10.12 0.71
CA SER B 13 -7.83 9.89 0.98
C SER B 13 -8.16 10.37 2.40
N HIS B 14 -7.22 10.20 3.33
CA HIS B 14 -7.39 10.69 4.69
C HIS B 14 -7.82 12.16 4.67
N TYR B 15 -7.03 12.97 3.97
CA TYR B 15 -7.29 14.41 3.94
C TYR B 15 -8.50 14.73 3.10
N LEU B 16 -8.61 14.10 1.96
CA LEU B 16 -9.63 14.51 1.00
C LEU B 16 -11.03 14.02 1.38
N GLN B 17 -11.12 12.99 2.21
CA GLN B 17 -12.41 12.38 2.49
C GLN B 17 -12.72 12.25 3.96
N TRP B 18 -11.69 12.14 4.79
CA TRP B 18 -11.91 11.74 6.18
C TRP B 18 -11.46 12.80 7.17
N ILE B 19 -11.29 14.02 6.67
CA ILE B 19 -11.30 15.18 7.56
C ILE B 19 -12.68 15.76 7.40
N LEU B 20 -13.48 15.60 8.44
CA LEU B 20 -14.90 15.89 8.40
C LEU B 20 -15.19 17.28 8.96
N ASP B 21 -16.38 17.78 8.66
CA ASP B 21 -16.86 19.00 9.27
C ASP B 21 -17.47 18.67 10.62
N LYS B 22 -17.15 19.46 11.63
CA LYS B 22 -17.61 19.21 12.99
C LYS B 22 -19.15 19.20 13.08
N GLN B 23 -19.81 20.01 12.26
CA GLN B 23 -21.27 20.08 12.31
C GLN B 23 -21.94 18.87 11.65
N ASP B 24 -21.43 18.45 10.50
CA ASP B 24 -21.92 17.24 9.86
C ASP B 24 -21.79 16.04 10.79
N LEU B 25 -20.68 15.98 11.51
CA LEU B 25 -20.44 14.87 12.43
C LEU B 25 -21.49 14.92 13.53
N LEU B 26 -21.68 16.11 14.11
CA LEU B 26 -22.63 16.31 15.20
C LEU B 26 -24.06 16.01 14.77
N LYS B 27 -24.40 16.36 13.53
CA LYS B 27 -25.73 16.07 12.98
C LYS B 27 -25.94 14.57 12.79
N GLU B 28 -24.96 13.86 12.23
CA GLU B 28 -25.09 12.41 12.07
C GLU B 28 -25.16 11.69 13.41
N ARG B 29 -24.61 12.30 14.44
CA ARG B 29 -24.58 11.70 15.76
C ARG B 29 -25.95 11.70 16.45
N GLN B 30 -26.83 12.57 15.97
CA GLN B 30 -28.11 12.83 16.63
C GLN B 30 -28.96 11.57 16.79
N LYS B 31 -28.91 10.70 15.80
CA LYS B 31 -29.76 9.53 15.82
C LYS B 31 -29.42 8.66 17.02
N ASP B 32 -28.14 8.62 17.38
CA ASP B 32 -27.73 7.83 18.54
C ASP B 32 -27.91 8.62 19.82
N LEU B 33 -28.09 9.93 19.73
CA LEU B 33 -28.32 10.72 20.95
C LEU B 33 -29.79 10.70 21.37
N LYS B 34 -30.60 9.93 20.64
CA LYS B 34 -31.96 9.64 21.09
C LYS B 34 -31.92 8.69 22.27
N PHE B 35 -30.86 7.90 22.36
CA PHE B 35 -30.74 6.86 23.37
C PHE B 35 -29.73 7.24 24.44
N LEU B 36 -28.70 7.98 24.04
CA LEU B 36 -27.61 8.33 24.93
C LEU B 36 -27.43 9.84 25.01
N SER B 37 -27.01 10.31 26.18
CA SER B 37 -26.59 11.70 26.31
C SER B 37 -25.25 11.89 25.61
N GLU B 38 -24.93 13.15 25.30
CA GLU B 38 -23.66 13.48 24.65
C GLU B 38 -22.51 12.95 25.50
N GLU B 39 -22.59 13.14 26.81
CA GLU B 39 -21.58 12.67 27.74
C GLU B 39 -21.43 11.14 27.67
N GLU B 40 -22.55 10.42 27.67
CA GLU B 40 -22.53 8.97 27.62
C GLU B 40 -21.98 8.43 26.31
N TYR B 41 -22.22 9.18 25.23
CA TYR B 41 -21.70 8.81 23.93
C TYR B 41 -20.18 8.93 23.94
N TRP B 42 -19.68 10.01 24.52
CA TRP B 42 -18.24 10.22 24.59
C TRP B 42 -17.60 9.13 25.44
N LYS B 43 -18.23 8.82 26.55
CA LYS B 43 -17.75 7.77 27.44
C LYS B 43 -17.68 6.43 26.74
N LEU B 44 -18.69 6.12 25.92
CA LEU B 44 -18.66 4.91 25.09
C LEU B 44 -17.46 4.90 24.17
N GLN B 45 -17.16 6.06 23.58
CA GLN B 45 -16.11 6.12 22.58
C GLN B 45 -14.77 5.92 23.26
N ILE B 46 -14.59 6.56 24.42
CA ILE B 46 -13.41 6.37 25.23
C ILE B 46 -13.27 4.89 25.54
N PHE B 47 -14.36 4.28 25.99
CA PHE B 47 -14.36 2.89 26.38
C PHE B 47 -13.82 1.96 25.28
N PHE B 48 -14.33 2.10 24.06
CA PHE B 48 -13.93 1.20 23.00
C PHE B 48 -12.55 1.55 22.47
N THR B 49 -12.14 2.81 22.62
CA THR B 49 -10.76 3.18 22.35
C THR B 49 -9.84 2.34 23.24
N ASN B 50 -10.21 2.22 24.51
CA ASN B 50 -9.45 1.42 25.47
C ASN B 50 -9.50 -0.07 25.16
N VAL B 51 -10.62 -0.54 24.61
CA VAL B 51 -10.78 -1.93 24.24
C VAL B 51 -9.84 -2.26 23.08
N ILE B 52 -9.84 -1.40 22.08
CA ILE B 52 -8.98 -1.60 20.93
C ILE B 52 -7.52 -1.59 21.34
N GLN B 53 -7.15 -0.69 22.25
CA GLN B 53 -5.79 -0.61 22.75
C GLN B 53 -5.41 -1.93 23.44
N ALA B 54 -6.29 -2.44 24.28
CA ALA B 54 -6.02 -3.68 24.99
C ALA B 54 -5.85 -4.84 24.02
N LEU B 55 -6.72 -4.91 23.01
CA LEU B 55 -6.61 -5.98 22.01
C LEU B 55 -5.28 -5.92 21.29
N GLY B 56 -4.89 -4.71 20.89
CA GLY B 56 -3.67 -4.51 20.15
C GLY B 56 -2.45 -4.91 20.97
N GLU B 57 -2.41 -4.48 22.22
CA GLU B 57 -1.32 -4.83 23.13
C GLU B 57 -1.21 -6.33 23.30
N HIS B 58 -2.36 -6.98 23.44
CA HIS B 58 -2.42 -8.42 23.61
C HIS B 58 -1.82 -9.13 22.40
N LEU B 59 -2.07 -8.58 21.21
CA LEU B 59 -1.57 -9.14 19.96
C LEU B 59 -0.18 -8.60 19.60
N LYS B 60 0.38 -7.80 20.51
CA LYS B 60 1.75 -7.29 20.34
C LYS B 60 1.87 -6.45 19.08
N LEU B 61 0.87 -5.63 18.80
CA LEU B 61 0.88 -4.77 17.62
C LEU B 61 1.53 -3.44 17.98
N ARG B 62 2.26 -2.86 17.05
CA ARG B 62 2.90 -1.58 17.34
C ARG B 62 1.80 -0.51 17.41
N GLN B 63 2.10 0.57 18.12
CA GLN B 63 1.11 1.57 18.43
C GLN B 63 0.44 2.06 17.15
N GLN B 64 1.21 2.12 16.07
CA GLN B 64 0.69 2.66 14.81
C GLN B 64 -0.48 1.81 14.27
N VAL B 65 -0.37 0.50 14.39
CA VAL B 65 -1.44 -0.37 13.90
C VAL B 65 -2.67 -0.16 14.76
N ILE B 66 -2.46 -0.04 16.07
CA ILE B 66 -3.56 0.13 16.99
C ILE B 66 -4.27 1.45 16.68
N ALA B 67 -3.50 2.50 16.41
CA ALA B 67 -4.08 3.80 16.12
C ALA B 67 -4.91 3.71 14.86
N THR B 68 -4.37 3.05 13.83
CA THR B 68 -5.12 2.83 12.60
C THR B 68 -6.43 2.11 12.89
N ALA B 69 -6.40 1.02 13.66
CA ALA B 69 -7.63 0.28 13.94
C ALA B 69 -8.63 1.19 14.68
N THR B 70 -8.11 2.06 15.54
CA THR B 70 -8.95 2.97 16.30
C THR B 70 -9.67 3.96 15.37
N VAL B 71 -8.97 4.44 14.35
CA VAL B 71 -9.57 5.38 13.43
C VAL B 71 -10.64 4.73 12.56
N TYR B 72 -10.39 3.50 12.11
CA TYR B 72 -11.40 2.75 11.37
C TYR B 72 -12.72 2.74 12.15
N PHE B 73 -12.61 2.44 13.44
CA PHE B 73 -13.72 2.33 14.35
C PHE B 73 -14.47 3.65 14.44
N LYS B 74 -13.72 4.72 14.68
CA LYS B 74 -14.27 6.08 14.75
C LYS B 74 -14.94 6.50 13.44
N ARG B 75 -14.30 6.17 12.33
CA ARG B 75 -14.83 6.53 11.04
C ARG B 75 -16.13 5.82 10.79
N PHE B 76 -16.18 4.55 11.15
CA PHE B 76 -17.37 3.75 10.88
C PHE B 76 -18.57 4.34 11.59
N TYR B 77 -18.41 4.66 12.87
CA TYR B 77 -19.52 5.14 13.69
C TYR B 77 -19.73 6.64 13.61
N ALA B 78 -18.83 7.33 12.93
CA ALA B 78 -19.06 8.73 12.62
C ALA B 78 -20.17 8.81 11.58
N ARG B 79 -20.37 7.73 10.84
CA ARG B 79 -21.25 7.71 9.68
C ARG B 79 -22.49 6.88 9.95
N TYR B 80 -22.32 5.80 10.71
CA TYR B 80 -23.38 4.81 10.94
C TYR B 80 -23.63 4.67 12.44
N SER B 81 -24.84 4.30 12.78
CA SER B 81 -25.28 4.23 14.17
C SER B 81 -24.64 3.08 14.91
N LEU B 82 -24.58 3.21 16.22
CA LEU B 82 -24.05 2.17 17.08
C LEU B 82 -24.84 0.88 16.92
N LYS B 83 -26.10 0.98 16.53
CA LYS B 83 -26.94 -0.21 16.43
C LYS B 83 -26.76 -0.96 15.11
N SER B 84 -25.98 -0.39 14.19
CA SER B 84 -25.89 -0.97 12.85
C SER B 84 -25.12 -2.26 12.92
N ILE B 85 -24.00 -2.20 13.65
CA ILE B 85 -23.18 -3.37 13.92
C ILE B 85 -22.69 -3.30 15.37
N ASP B 86 -22.74 -4.43 16.08
CA ASP B 86 -22.29 -4.48 17.47
C ASP B 86 -20.84 -3.99 17.55
N PRO B 87 -20.58 -2.95 18.35
CA PRO B 87 -19.20 -2.46 18.43
C PRO B 87 -18.26 -3.48 19.06
N VAL B 88 -18.81 -4.40 19.85
CA VAL B 88 -18.04 -5.50 20.43
C VAL B 88 -17.49 -6.36 19.30
N LEU B 89 -18.23 -6.42 18.21
CA LEU B 89 -17.77 -7.14 17.03
C LEU B 89 -16.87 -6.25 16.17
N MET B 90 -17.21 -4.97 16.07
CA MET B 90 -16.47 -4.07 15.22
C MET B 90 -15.03 -3.86 15.68
N ALA B 91 -14.85 -3.74 17.00
CA ALA B 91 -13.53 -3.42 17.55
C ALA B 91 -12.44 -4.41 17.12
N PRO B 92 -12.64 -5.71 17.37
CA PRO B 92 -11.64 -6.67 16.90
C PRO B 92 -11.52 -6.73 15.39
N THR B 93 -12.60 -6.42 14.67
CA THR B 93 -12.54 -6.42 13.22
C THR B 93 -11.61 -5.30 12.76
N CYS B 94 -11.72 -4.14 13.38
CA CYS B 94 -10.83 -3.04 13.05
C CYS B 94 -9.36 -3.39 13.29
N VAL B 95 -9.09 -4.02 14.43
CA VAL B 95 -7.74 -4.46 14.76
C VAL B 95 -7.23 -5.43 13.70
N PHE B 96 -8.10 -6.37 13.32
CA PHE B 96 -7.73 -7.39 12.37
C PHE B 96 -7.40 -6.78 11.02
N LEU B 97 -8.27 -5.93 10.52
CA LEU B 97 -8.08 -5.34 9.21
C LEU B 97 -6.84 -4.44 9.18
N ALA B 98 -6.68 -3.63 10.23
CA ALA B 98 -5.53 -2.76 10.33
C ALA B 98 -4.24 -3.57 10.30
N SER B 99 -4.23 -4.69 11.01
CA SER B 99 -3.04 -5.50 11.09
C SER B 99 -2.67 -6.03 9.70
N LYS B 100 -3.65 -6.14 8.80
CA LYS B 100 -3.37 -6.70 7.47
C LYS B 100 -2.85 -5.66 6.49
N VAL B 101 -3.06 -4.39 6.81
CA VAL B 101 -2.48 -3.31 6.02
C VAL B 101 -0.95 -3.30 6.20
N GLU B 102 -0.45 -3.96 7.24
CA GLU B 102 1.00 -4.11 7.45
C GLU B 102 1.46 -5.49 6.97
N GLU B 103 2.72 -5.61 6.60
CA GLU B 103 3.23 -6.87 6.06
C GLU B 103 4.32 -7.50 6.93
N PHE B 104 4.58 -6.90 8.09
CA PHE B 104 5.52 -7.49 9.05
C PHE B 104 4.76 -8.40 10.04
N GLY B 105 4.38 -9.58 9.57
CA GLY B 105 3.66 -10.53 10.41
C GLY B 105 2.16 -10.49 10.19
N VAL B 106 1.51 -11.60 10.51
CA VAL B 106 0.07 -11.75 10.31
C VAL B 106 -0.63 -12.23 11.58
N VAL B 107 -1.86 -11.76 11.78
CA VAL B 107 -2.73 -12.25 12.84
C VAL B 107 -3.59 -13.40 12.32
N SER B 108 -3.33 -14.61 12.79
CA SER B 108 -4.14 -15.75 12.37
C SER B 108 -5.55 -15.61 12.94
N ASN B 109 -6.46 -16.45 12.45
CA ASN B 109 -7.85 -16.36 12.86
C ASN B 109 -8.02 -16.73 14.33
N THR B 110 -7.40 -17.85 14.71
CA THR B 110 -7.50 -18.34 16.07
C THR B 110 -6.90 -17.34 17.06
N ARG B 111 -5.83 -16.69 16.63
N ARG B 111 -5.82 -16.68 16.65
CA ARG B 111 -5.13 -15.74 17.47
CA ARG B 111 -5.16 -15.74 17.54
C ARG B 111 -5.99 -14.49 17.71
C ARG B 111 -6.02 -14.49 17.73
N LEU B 112 -6.69 -14.06 16.67
CA LEU B 112 -7.60 -12.91 16.79
C LEU B 112 -8.81 -13.23 17.74
N ILE B 113 -9.46 -14.37 17.52
CA ILE B 113 -10.60 -14.76 18.35
C ILE B 113 -10.16 -15.00 19.77
N ALA B 114 -9.07 -15.74 19.93
CA ALA B 114 -8.54 -16.02 21.26
C ALA B 114 -8.21 -14.74 22.00
N ALA B 115 -7.71 -13.75 21.28
CA ALA B 115 -7.34 -12.46 21.86
C ALA B 115 -8.57 -11.66 22.26
N ALA B 116 -9.60 -11.73 21.43
CA ALA B 116 -10.82 -11.01 21.72
C ALA B 116 -11.48 -11.63 22.96
N THR B 117 -11.52 -12.95 22.98
CA THR B 117 -12.14 -13.68 24.07
C THR B 117 -11.45 -13.39 25.38
N SER B 118 -10.12 -13.47 25.35
CA SER B 118 -9.30 -13.35 26.54
C SER B 118 -9.28 -11.92 27.07
N VAL B 119 -9.16 -10.94 26.20
CA VAL B 119 -9.08 -9.55 26.65
C VAL B 119 -10.39 -9.10 27.29
N LEU B 120 -11.52 -9.47 26.68
CA LEU B 120 -12.82 -9.09 27.24
C LEU B 120 -13.07 -9.67 28.63
N LYS B 121 -12.69 -10.93 28.86
CA LYS B 121 -12.95 -11.54 30.16
C LYS B 121 -12.00 -11.01 31.22
N THR B 122 -10.72 -10.87 30.89
CA THR B 122 -9.73 -10.54 31.92
C THR B 122 -9.63 -9.05 32.21
N ARG B 123 -9.95 -8.21 31.22
CA ARG B 123 -9.75 -6.77 31.39
C ARG B 123 -11.06 -6.00 31.40
N PHE B 124 -12.13 -6.59 30.85
CA PHE B 124 -13.37 -5.84 30.68
C PHE B 124 -14.61 -6.55 31.20
N SER B 125 -14.44 -7.42 32.18
CA SER B 125 -15.56 -8.16 32.72
C SER B 125 -16.53 -7.23 33.46
N TYR B 126 -16.08 -6.02 33.80
CA TYR B 126 -16.98 -5.06 34.44
C TYR B 126 -18.06 -4.55 33.47
N ALA B 127 -17.79 -4.59 32.17
CA ALA B 127 -18.74 -4.13 31.15
C ALA B 127 -19.52 -5.27 30.53
N PHE B 128 -18.96 -6.48 30.60
CA PHE B 128 -19.48 -7.62 29.85
C PHE B 128 -19.68 -8.82 30.76
N PRO B 129 -20.94 -9.23 30.97
CA PRO B 129 -21.15 -10.45 31.75
C PRO B 129 -20.73 -11.71 30.99
N LYS B 130 -21.15 -11.78 29.72
CA LYS B 130 -20.95 -12.97 28.91
C LYS B 130 -19.62 -12.97 28.17
N GLU B 131 -19.17 -14.18 27.82
CA GLU B 131 -17.97 -14.35 27.01
C GLU B 131 -18.19 -13.85 25.58
N PHE B 132 -17.11 -13.54 24.89
CA PHE B 132 -17.17 -13.11 23.50
C PHE B 132 -17.97 -14.09 22.64
N PRO B 133 -19.10 -13.63 22.05
CA PRO B 133 -20.04 -14.58 21.43
C PRO B 133 -19.89 -14.77 19.93
N TYR B 134 -18.97 -14.08 19.29
CA TYR B 134 -18.81 -14.15 17.83
C TYR B 134 -17.67 -15.10 17.45
N ARG B 135 -17.88 -15.81 16.36
CA ARG B 135 -16.88 -16.70 15.82
C ARG B 135 -16.18 -15.97 14.69
N MET B 136 -15.19 -16.62 14.09
CA MET B 136 -14.36 -15.93 13.12
C MET B 136 -15.17 -15.54 11.89
N ASN B 137 -16.20 -16.33 11.54
CA ASN B 137 -16.99 -16.06 10.34
C ASN B 137 -17.78 -14.75 10.48
N HIS B 138 -18.12 -14.38 11.71
CA HIS B 138 -18.72 -13.07 11.95
C HIS B 138 -17.72 -11.94 11.71
N ILE B 139 -16.47 -12.12 12.17
CA ILE B 139 -15.40 -11.15 11.97
C ILE B 139 -15.17 -10.90 10.48
N LEU B 140 -15.12 -12.00 9.73
CA LEU B 140 -14.85 -11.92 8.31
C LEU B 140 -15.98 -11.17 7.60
N GLU B 141 -17.21 -11.43 8.03
CA GLU B 141 -18.37 -10.77 7.47
C GLU B 141 -18.30 -9.28 7.80
N CYS B 142 -18.04 -8.96 9.06
CA CYS B 142 -17.95 -7.58 9.50
C CYS B 142 -16.85 -6.83 8.75
N GLU B 143 -15.76 -7.53 8.48
CA GLU B 143 -14.61 -6.96 7.79
C GLU B 143 -14.97 -6.46 6.41
N PHE B 144 -15.75 -7.24 5.67
CA PHE B 144 -16.24 -6.80 4.38
C PHE B 144 -17.09 -5.53 4.48
N TYR B 145 -17.99 -5.48 5.46
CA TYR B 145 -18.83 -4.30 5.64
C TYR B 145 -17.98 -3.10 5.97
N LEU B 146 -16.95 -3.32 6.78
CA LEU B 146 -16.11 -2.21 7.25
C LEU B 146 -15.32 -1.59 6.12
N LEU B 147 -14.75 -2.45 5.29
CA LEU B 147 -13.94 -2.02 4.16
C LEU B 147 -14.80 -1.24 3.18
N GLU B 148 -15.94 -1.81 2.85
CA GLU B 148 -16.88 -1.20 1.92
C GLU B 148 -17.27 0.18 2.40
N LEU B 149 -17.57 0.28 3.69
CA LEU B 149 -18.20 1.49 4.21
C LEU B 149 -17.18 2.55 4.57
N MET B 150 -15.88 2.19 4.57
CA MET B 150 -14.82 3.19 4.66
C MET B 150 -14.35 3.57 3.25
N ASP B 151 -15.10 3.15 2.24
CA ASP B 151 -14.74 3.40 0.85
C ASP B 151 -13.30 2.93 0.57
N CYS B 152 -12.94 1.81 1.17
CA CYS B 152 -11.62 1.21 0.98
C CYS B 152 -10.47 2.12 1.34
N CYS B 153 -10.74 3.12 2.18
CA CYS B 153 -9.68 3.98 2.67
C CYS B 153 -8.95 3.30 3.82
N LEU B 154 -7.74 2.82 3.56
CA LEU B 154 -6.99 2.05 4.56
C LEU B 154 -5.76 2.77 5.09
N ILE B 155 -5.11 3.58 4.25
CA ILE B 155 -3.94 4.31 4.70
C ILE B 155 -4.37 5.49 5.57
N VAL B 156 -3.93 5.46 6.83
CA VAL B 156 -4.27 6.48 7.82
C VAL B 156 -2.99 7.13 8.35
N TYR B 157 -3.00 8.45 8.46
CA TYR B 157 -1.86 9.22 8.97
C TYR B 157 -2.09 9.51 10.43
N HIS B 158 -1.02 9.52 11.21
CA HIS B 158 -1.11 9.69 12.65
C HIS B 158 -0.12 10.77 13.12
N PRO B 159 -0.34 11.31 14.34
CA PRO B 159 0.52 12.38 14.86
C PRO B 159 1.92 11.95 15.29
N TYR B 160 2.17 10.64 15.37
CA TYR B 160 3.43 10.17 15.94
C TYR B 160 4.65 10.58 15.12
N ARG B 161 4.53 10.49 13.80
CA ARG B 161 5.65 10.78 12.93
C ARG B 161 6.01 12.26 12.98
N PRO B 162 5.03 13.16 12.75
CA PRO B 162 5.40 14.58 12.84
C PRO B 162 5.88 14.95 14.24
N LEU B 163 5.31 14.34 15.29
CA LEU B 163 5.77 14.64 16.64
C LEU B 163 7.25 14.32 16.79
N LEU B 164 7.67 13.18 16.22
CA LEU B 164 9.06 12.76 16.29
C LEU B 164 9.94 13.81 15.63
N GLN B 165 9.54 14.27 14.46
CA GLN B 165 10.30 15.29 13.75
C GLN B 165 10.36 16.59 14.54
N TYR B 166 9.27 16.98 15.18
CA TYR B 166 9.25 18.21 15.96
C TYR B 166 10.16 18.17 17.17
N VAL B 167 10.09 17.11 17.98
CA VAL B 167 10.95 17.05 19.17
C VAL B 167 12.42 16.93 18.79
N GLN B 168 12.71 16.24 17.70
CA GLN B 168 14.04 16.22 17.14
C GLN B 168 14.47 17.65 16.79
N ASP B 169 13.60 18.36 16.06
CA ASP B 169 13.86 19.75 15.70
C ASP B 169 14.14 20.59 16.95
N MET B 170 13.36 20.39 18.00
CA MET B 170 13.56 21.10 19.26
C MET B 170 14.89 20.74 19.90
N GLY B 171 15.36 19.53 19.62
CA GLY B 171 16.53 19.00 20.29
C GLY B 171 16.17 18.66 21.72
N GLN B 172 14.94 18.21 21.95
CA GLN B 172 14.46 17.94 23.30
C GLN B 172 13.79 16.57 23.40
N GLU B 173 14.31 15.60 22.66
CA GLU B 173 13.77 14.25 22.64
C GLU B 173 13.65 13.64 24.04
N ASP B 174 14.72 13.73 24.84
CA ASP B 174 14.75 13.09 26.15
C ASP B 174 13.68 13.64 27.07
N MET B 175 13.51 14.95 27.05
CA MET B 175 12.65 15.61 28.03
C MET B 175 11.16 15.51 27.68
N LEU B 176 10.84 15.59 26.39
CA LEU B 176 9.48 15.88 25.95
C LEU B 176 8.76 14.72 25.27
N LEU B 177 9.48 13.87 24.55
CA LEU B 177 8.83 12.86 23.71
C LEU B 177 7.96 11.85 24.48
N PRO B 178 8.46 11.32 25.60
CA PRO B 178 7.63 10.36 26.34
C PRO B 178 6.27 10.94 26.74
N LEU B 179 6.29 12.12 27.33
CA LEU B 179 5.05 12.78 27.72
C LEU B 179 4.18 13.13 26.51
N ALA B 180 4.75 13.75 25.48
CA ALA B 180 4.00 14.14 24.30
C ALA B 180 3.40 12.94 23.58
N TRP B 181 4.17 11.86 23.51
CA TRP B 181 3.72 10.64 22.87
C TRP B 181 2.47 10.16 23.61
N ARG B 182 2.55 10.14 24.92
CA ARG B 182 1.45 9.66 25.73
C ARG B 182 0.22 10.56 25.50
N ILE B 183 0.43 11.85 25.28
CA ILE B 183 -0.71 12.74 25.05
C ILE B 183 -1.32 12.53 23.67
N VAL B 184 -0.49 12.32 22.65
CA VAL B 184 -1.02 11.80 21.39
C VAL B 184 -1.93 10.59 21.64
N ASN B 185 -1.44 9.58 22.37
CA ASN B 185 -2.27 8.40 22.67
C ASN B 185 -3.63 8.82 23.21
N ASP B 186 -3.62 9.75 24.17
CA ASP B 186 -4.85 10.21 24.77
C ASP B 186 -5.80 10.89 23.78
N THR B 187 -5.26 11.54 22.74
CA THR B 187 -6.15 12.27 21.83
C THR B 187 -7.09 11.32 21.09
N TYR B 188 -6.76 10.04 21.07
CA TYR B 188 -7.62 9.05 20.41
C TYR B 188 -8.87 8.74 21.20
N ARG B 189 -8.91 9.24 22.44
CA ARG B 189 -10.12 9.19 23.24
C ARG B 189 -11.04 10.36 22.90
N THR B 190 -10.80 11.01 21.77
CA THR B 190 -11.62 12.15 21.31
C THR B 190 -11.81 12.07 19.81
N ASP B 191 -12.57 13.01 19.25
CA ASP B 191 -12.80 13.10 17.80
C ASP B 191 -11.71 13.83 16.99
N LEU B 192 -10.62 14.22 17.64
CA LEU B 192 -9.65 15.10 16.99
C LEU B 192 -9.11 14.54 15.67
N CYS B 193 -8.95 13.24 15.59
CA CYS B 193 -8.36 12.61 14.40
C CYS B 193 -9.29 12.65 13.20
N LEU B 194 -10.58 12.94 13.44
CA LEU B 194 -11.56 13.13 12.35
C LEU B 194 -11.65 14.59 11.94
N LEU B 195 -11.07 15.49 12.71
CA LEU B 195 -11.29 16.91 12.50
C LEU B 195 -10.03 17.69 12.07
N TYR B 196 -8.85 17.22 12.48
CA TYR B 196 -7.61 17.96 12.23
C TYR B 196 -6.54 17.12 11.54
N PRO B 197 -5.70 17.77 10.69
CA PRO B 197 -4.52 17.07 10.17
C PRO B 197 -3.62 16.64 11.32
N PRO B 198 -3.06 15.42 11.27
CA PRO B 198 -2.31 14.94 12.43
C PRO B 198 -1.13 15.83 12.87
N PHE B 199 -0.49 16.57 11.98
CA PHE B 199 0.65 17.38 12.43
C PHE B 199 0.16 18.44 13.42
N MET B 200 -1.05 18.95 13.20
CA MET B 200 -1.63 19.92 14.11
C MET B 200 -1.85 19.31 15.49
N ILE B 201 -2.28 18.06 15.51
CA ILE B 201 -2.51 17.37 16.77
C ILE B 201 -1.15 17.14 17.45
N ALA B 202 -0.14 16.79 16.67
CA ALA B 202 1.22 16.64 17.20
C ALA B 202 1.66 17.93 17.90
N LEU B 203 1.51 19.05 17.22
CA LEU B 203 1.93 20.34 17.78
C LEU B 203 1.15 20.66 19.07
N ALA B 204 -0.16 20.41 19.08
CA ALA B 204 -0.95 20.63 20.30
C ALA B 204 -0.49 19.75 21.46
N CYS B 205 -0.19 18.49 21.17
CA CYS B 205 0.32 17.57 22.19
C CYS B 205 1.70 17.97 22.69
N LEU B 206 2.55 18.44 21.77
CA LEU B 206 3.89 18.90 22.13
C LEU B 206 3.79 20.14 23.02
N HIS B 207 2.83 20.99 22.70
CA HIS B 207 2.62 22.21 23.46
C HIS B 207 2.22 21.89 24.89
N VAL B 208 1.19 21.07 25.05
CA VAL B 208 0.74 20.65 26.37
C VAL B 208 1.89 19.99 27.14
N ALA B 209 2.67 19.16 26.46
CA ALA B 209 3.82 18.55 27.08
C ALA B 209 4.77 19.62 27.59
N CYS B 210 5.04 20.63 26.77
CA CYS B 210 5.92 21.73 27.18
C CYS B 210 5.39 22.46 28.40
N VAL B 211 4.08 22.70 28.42
CA VAL B 211 3.43 23.36 29.56
C VAL B 211 3.54 22.52 30.84
N VAL B 212 3.16 21.24 30.75
CA VAL B 212 3.27 20.36 31.90
C VAL B 212 4.67 20.38 32.48
N GLN B 213 5.68 20.41 31.60
CA GLN B 213 7.06 20.29 32.05
C GLN B 213 7.77 21.65 32.18
N GLN B 214 6.98 22.72 32.17
CA GLN B 214 7.51 24.07 32.37
C GLN B 214 8.71 24.33 31.46
N LYS B 215 8.59 23.90 30.21
CA LYS B 215 9.61 24.15 29.21
C LYS B 215 9.11 25.26 28.30
N ASP B 216 9.85 26.37 28.27
CA ASP B 216 9.50 27.50 27.42
C ASP B 216 9.88 27.20 25.98
N ALA B 217 8.87 27.15 25.10
CA ALA B 217 9.10 26.88 23.69
C ALA B 217 8.36 27.89 22.82
N ARG B 218 8.16 29.10 23.33
CA ARG B 218 7.43 30.13 22.60
C ARG B 218 8.14 30.55 21.32
N GLN B 219 9.46 30.71 21.39
CA GLN B 219 10.22 31.13 20.22
C GLN B 219 10.14 30.07 19.11
N TRP B 220 10.22 28.81 19.50
CA TRP B 220 10.21 27.71 18.53
C TRP B 220 8.85 27.64 17.85
N PHE B 221 7.80 27.80 18.65
CA PHE B 221 6.44 27.77 18.15
C PHE B 221 6.18 28.98 17.24
N ALA B 222 6.83 30.10 17.53
CA ALA B 222 6.69 31.29 16.72
C ALA B 222 7.30 31.09 15.33
N GLU B 223 8.41 30.37 15.28
CA GLU B 223 9.12 30.16 14.03
C GLU B 223 8.39 29.22 13.07
N LEU B 224 7.25 28.69 13.51
CA LEU B 224 6.41 27.86 12.66
C LEU B 224 5.43 28.72 11.87
N SER B 225 5.06 28.26 10.69
CA SER B 225 4.03 28.93 9.89
C SER B 225 2.75 28.11 9.92
N VAL B 226 2.03 28.18 11.04
CA VAL B 226 0.79 27.41 11.22
C VAL B 226 -0.33 28.27 11.83
N ASP B 227 -1.58 27.92 11.54
CA ASP B 227 -2.73 28.54 12.21
C ASP B 227 -2.72 28.20 13.71
N MET B 228 -2.21 29.12 14.52
CA MET B 228 -2.11 28.87 15.96
C MET B 228 -3.46 28.86 16.66
N GLU B 229 -4.45 29.48 16.03
CA GLU B 229 -5.82 29.43 16.53
C GLU B 229 -6.28 27.98 16.55
N LYS B 230 -6.01 27.26 15.47
CA LYS B 230 -6.45 25.89 15.34
C LYS B 230 -5.77 25.03 16.39
N ILE B 231 -4.49 25.29 16.63
CA ILE B 231 -3.74 24.54 17.64
C ILE B 231 -4.37 24.74 19.00
N LEU B 232 -4.80 25.97 19.28
CA LEU B 232 -5.41 26.27 20.57
C LEU B 232 -6.73 25.52 20.72
N GLU B 233 -7.51 25.44 19.65
CA GLU B 233 -8.73 24.65 19.67
C GLU B 233 -8.38 23.22 20.11
N ILE B 234 -7.34 22.67 19.52
CA ILE B 234 -7.01 21.28 19.78
C ILE B 234 -6.60 21.16 21.24
N ILE B 235 -5.79 22.10 21.72
CA ILE B 235 -5.32 22.07 23.11
C ILE B 235 -6.50 22.09 24.07
N ARG B 236 -7.51 22.90 23.78
CA ARG B 236 -8.67 23.00 24.64
C ARG B 236 -9.38 21.64 24.69
N VAL B 237 -9.51 20.97 23.56
CA VAL B 237 -10.12 19.65 23.56
C VAL B 237 -9.32 18.68 24.44
N ILE B 238 -7.99 18.80 24.40
CA ILE B 238 -7.15 17.93 25.21
C ILE B 238 -7.38 18.22 26.70
N LEU B 239 -7.47 19.49 27.05
CA LEU B 239 -7.65 19.87 28.45
C LEU B 239 -9.00 19.40 28.97
N LYS B 240 -10.01 19.52 28.12
CA LYS B 240 -11.34 19.03 28.42
C LYS B 240 -11.34 17.51 28.61
N LEU B 241 -10.59 16.79 27.79
CA LEU B 241 -10.54 15.34 27.94
C LEU B 241 -10.09 14.97 29.35
N TYR B 242 -9.10 15.69 29.88
CA TYR B 242 -8.54 15.27 31.16
C TYR B 242 -9.53 15.51 32.29
N GLU B 243 -10.37 16.54 32.16
CA GLU B 243 -11.42 16.79 33.14
C GLU B 243 -12.52 15.73 33.07
N GLN B 244 -12.89 15.32 31.87
CA GLN B 244 -13.85 14.23 31.70
C GLN B 244 -13.26 12.96 32.33
N TRP B 245 -12.00 12.66 31.99
CA TRP B 245 -11.25 11.52 32.52
C TRP B 245 -11.33 11.45 34.06
N LYS B 246 -11.09 12.57 34.71
CA LYS B 246 -11.19 12.69 36.15
C LYS B 246 -12.61 12.36 36.66
N ASN B 247 -13.62 12.88 35.99
CA ASN B 247 -15.01 12.71 36.44
C ASN B 247 -15.67 11.42 35.97
N PHE B 248 -14.99 10.73 35.07
CA PHE B 248 -15.47 9.50 34.48
C PHE B 248 -14.94 8.29 35.27
N ASP B 249 -15.83 7.43 35.77
CA ASP B 249 -15.41 6.12 36.27
C ASP B 249 -15.97 5.04 35.37
N GLU B 250 -15.20 4.63 34.37
CA GLU B 250 -15.74 3.78 33.33
C GLU B 250 -16.06 2.38 33.84
N ARG B 251 -15.41 1.97 34.91
N ARG B 251 -15.40 1.96 34.90
CA ARG B 251 -15.63 0.63 35.42
CA ARG B 251 -15.64 0.62 35.41
C ARG B 251 -16.97 0.56 36.13
C ARG B 251 -16.98 0.56 36.12
N LYS B 252 -17.34 1.65 36.78
CA LYS B 252 -18.60 1.74 37.50
C LYS B 252 -19.76 2.06 36.56
N GLU B 253 -19.47 2.74 35.45
CA GLU B 253 -20.51 3.28 34.59
C GLU B 253 -20.81 2.48 33.32
N MET B 254 -19.85 1.72 32.80
CA MET B 254 -20.01 1.25 31.42
C MET B 254 -21.11 0.19 31.20
N ALA B 255 -21.42 -0.63 32.20
CA ALA B 255 -22.47 -1.62 32.01
C ALA B 255 -23.80 -0.90 31.76
N THR B 256 -24.06 0.13 32.56
CA THR B 256 -25.24 0.95 32.41
C THR B 256 -25.29 1.63 31.04
N ILE B 257 -24.17 2.22 30.64
CA ILE B 257 -24.14 2.98 29.39
C ILE B 257 -24.33 2.02 28.23
N LEU B 258 -23.69 0.86 28.28
CA LEU B 258 -23.87 -0.16 27.23
C LEU B 258 -25.33 -0.66 27.14
N SER B 259 -26.01 -0.81 28.27
CA SER B 259 -27.40 -1.27 28.20
C SER B 259 -28.29 -0.23 27.53
N LYS B 260 -27.91 1.04 27.62
CA LYS B 260 -28.70 2.11 27.03
C LYS B 260 -28.51 2.19 25.52
N MET B 261 -27.40 1.66 25.03
CA MET B 261 -27.12 1.66 23.59
C MET B 261 -28.31 1.12 22.81
N PRO B 262 -28.56 1.70 21.64
CA PRO B 262 -29.52 1.04 20.75
C PRO B 262 -28.92 -0.28 20.27
N LYS B 263 -29.74 -1.32 20.15
CA LYS B 263 -29.23 -2.64 19.80
C LYS B 263 -29.66 -3.02 18.38
N PRO B 264 -28.86 -3.88 17.71
CA PRO B 264 -29.24 -4.29 16.35
C PRO B 264 -30.58 -5.00 16.30
N LYS B 265 -31.46 -4.55 15.42
CA LYS B 265 -32.77 -5.20 15.21
C LYS B 265 -32.59 -6.52 14.47
N PRO B 266 -33.19 -7.60 14.99
CA PRO B 266 -33.09 -8.89 14.28
C PRO B 266 -34.07 -8.97 13.12
N PRO B 267 -33.87 -9.94 12.22
CA PRO B 267 -34.80 -10.09 11.09
C PRO B 267 -36.15 -10.60 11.56
N PRO B 268 -37.22 -10.31 10.81
CA PRO B 268 -38.56 -10.80 11.19
C PRO B 268 -38.82 -12.24 10.76
#